data_5Q20
#
_entry.id   5Q20
#
_cell.length_a   51.899
_cell.length_b   56.799
_cell.length_c   115.031
_cell.angle_alpha   90.000
_cell.angle_beta   90.000
_cell.angle_gamma   90.000
#
_symmetry.space_group_name_H-M   'P 21 21 21'
#
loop_
_entity.id
_entity.type
_entity.pdbx_description
1 polymer 'DNA cross-link repair 1A protein'
2 non-polymer 'MALONATE ION'
3 non-polymer 'NICKEL (II) ION'
4 non-polymer 1-[2-methyl-1,3-bis(oxidanyl)propan-2-yl]-3-phenyl-urea
5 water water
#
_entity_poly.entity_id   1
_entity_poly.type   'polypeptide(L)'
_entity_poly.pdbx_seq_one_letter_code
;KKTCPFYKKIPGTGFTVDAFQYGVVEGCTAYFLTHFHSDHYAGLSKHFTFPVYCSEITGNLLKNKLHVQEQYIHPLPLDT
ECIVNGVKVVLLDANHCPGAVMILFYLPNGTVILHTGDFRADPSMERSLLADQKVHMLYLDTTYCSPEYTFPSQQEVIRF
AINTAFEAVTLNPHALVVCGTYSIGKEKVFLAIADVLGSKVGMSQEKYKTLQCLNIPEINSLITTDMCSSLVHLLPMMQI
NFKGLQSHLKKCGGKYNQILAFRPTGWTHSNKFTRIADVIPQTKGNISIYGIPYSEHSSYLEMKRFVQWLKPQKIIPTVN
VGTWKSRSTMEKYFREWKLEAGY
;
_entity_poly.pdbx_strand_id   A
#
# COMPACT_ATOMS: atom_id res chain seq x y z
N THR A 3 -4.65 19.98 15.70
CA THR A 3 -3.37 19.77 16.44
C THR A 3 -2.69 18.43 16.11
N CYS A 4 -1.43 18.51 15.68
CA CYS A 4 -0.69 17.33 15.28
C CYS A 4 -0.48 16.39 16.48
N PRO A 5 -0.85 15.09 16.35
CA PRO A 5 -0.61 14.15 17.45
C PRO A 5 0.88 13.80 17.62
N PHE A 6 1.25 13.41 18.84
CA PHE A 6 2.67 13.18 19.20
C PHE A 6 3.37 12.12 18.34
N TYR A 7 2.63 11.07 17.98
CA TYR A 7 3.17 9.96 17.19
C TYR A 7 3.51 10.31 15.73
N LYS A 8 3.23 11.55 15.31
CA LYS A 8 3.62 12.08 13.98
C LYS A 8 4.79 13.09 14.02
N LYS A 9 5.36 13.28 15.22
CA LYS A 9 6.51 14.16 15.40
C LYS A 9 7.76 13.35 15.69
N ILE A 10 8.90 13.84 15.18
CA ILE A 10 10.17 13.15 15.35
C ILE A 10 10.97 14.05 16.33
N PRO A 11 11.13 13.61 17.59
CA PRO A 11 11.76 14.50 18.59
C PRO A 11 13.21 14.82 18.28
N GLY A 12 13.65 16.02 18.64
CA GLY A 12 15.01 16.46 18.40
C GLY A 12 15.26 16.88 16.99
N THR A 13 14.18 17.01 16.22
CA THR A 13 14.24 17.42 14.83
C THR A 13 13.15 18.47 14.60
N GLY A 14 13.16 19.08 13.43
CA GLY A 14 12.02 19.88 12.99
C GLY A 14 11.13 19.08 12.06
N PHE A 15 11.01 17.76 12.26
CA PHE A 15 10.39 16.92 11.23
C PHE A 15 9.05 16.35 11.68
N THR A 16 8.12 16.25 10.74
CA THR A 16 6.89 15.47 10.93
C THR A 16 6.74 14.47 9.79
N VAL A 17 5.93 13.45 10.06
CA VAL A 17 5.64 12.38 9.11
C VAL A 17 4.14 12.29 8.89
N ASP A 18 3.72 12.41 7.64
CA ASP A 18 2.32 12.22 7.25
C ASP A 18 1.35 13.12 8.08
N ALA A 19 1.69 14.40 8.14
CA ALA A 19 1.01 15.39 8.98
C ALA A 19 0.70 16.67 8.19
N PHE A 20 -0.22 16.53 7.23
CA PHE A 20 -0.59 17.62 6.32
C PHE A 20 -1.99 18.23 6.58
N GLN A 21 -2.68 17.73 7.59
CA GLN A 21 -4.09 18.09 7.87
C GLN A 21 -4.27 18.90 9.15
N TYR A 22 -3.19 19.48 9.65
CA TYR A 22 -3.19 20.17 10.94
C TYR A 22 -2.87 21.66 10.81
N GLY A 23 -2.85 22.17 9.57
CA GLY A 23 -2.38 23.52 9.31
C GLY A 23 -0.86 23.59 9.45
N VAL A 24 -0.37 24.75 9.87
CA VAL A 24 1.07 24.94 10.10
C VAL A 24 1.41 24.30 11.45
N VAL A 25 2.34 23.34 11.45
CA VAL A 25 2.75 22.68 12.68
C VAL A 25 3.90 23.51 13.26
N GLU A 26 3.73 23.99 14.49
CA GLU A 26 4.72 24.88 15.11
C GLU A 26 6.01 24.10 15.33
N GLY A 27 7.10 24.60 14.75
CA GLY A 27 8.42 23.95 14.87
C GLY A 27 8.83 23.08 13.69
N CYS A 28 7.89 22.75 12.79
CA CYS A 28 8.18 21.86 11.67
C CYS A 28 8.86 22.59 10.50
N THR A 29 10.09 22.20 10.19
CA THR A 29 10.89 22.77 9.09
C THR A 29 10.89 21.91 7.80
N ALA A 30 10.46 20.65 7.92
CA ALA A 30 10.28 19.77 6.77
C ALA A 30 9.19 18.73 7.08
N TYR A 31 8.30 18.50 6.09
CA TYR A 31 7.20 17.56 6.20
C TYR A 31 7.52 16.33 5.33
N PHE A 32 7.71 15.17 5.96
CA PHE A 32 7.90 13.92 5.22
C PHE A 32 6.54 13.27 4.87
N LEU A 33 6.45 12.70 3.66
CA LEU A 33 5.30 11.87 3.23
C LEU A 33 5.75 10.48 2.81
N THR A 34 5.29 9.45 3.52
CA THR A 34 5.79 8.10 3.32
C THR A 34 5.26 7.47 2.04
N HIS A 35 4.01 7.77 1.68
CA HIS A 35 3.38 7.23 0.46
C HIS A 35 2.09 7.98 0.06
N PHE A 36 1.70 7.83 -1.20
CA PHE A 36 0.53 8.52 -1.74
C PHE A 36 -0.80 7.76 -1.53
N HIS A 37 -1.21 7.61 -0.27
CA HIS A 37 -2.56 7.21 0.10
C HIS A 37 -3.23 8.36 0.88
N SER A 38 -4.53 8.54 0.61
CA SER A 38 -5.26 9.74 1.08
C SER A 38 -5.27 10.02 2.59
N ASP A 39 -5.42 9.00 3.45
CA ASP A 39 -5.30 9.19 4.92
C ASP A 39 -3.94 9.79 5.33
N HIS A 40 -2.92 9.56 4.52
CA HIS A 40 -1.58 10.08 4.80
C HIS A 40 -1.27 11.42 4.15
N TYR A 41 -1.69 11.64 2.89
CA TYR A 41 -1.50 12.97 2.26
C TYR A 41 -2.60 14.01 2.60
N ALA A 42 -3.63 13.61 3.35
CA ALA A 42 -4.80 14.47 3.59
C ALA A 42 -4.37 15.84 4.05
N GLY A 43 -4.69 16.84 3.24
CA GLY A 43 -4.41 18.23 3.53
C GLY A 43 -3.51 18.88 2.51
N LEU A 44 -2.70 18.10 1.78
CA LEU A 44 -1.89 18.65 0.68
C LEU A 44 -2.73 19.08 -0.52
N SER A 45 -2.29 20.14 -1.18
CA SER A 45 -2.93 20.72 -2.37
C SER A 45 -1.92 21.63 -3.08
N LYS A 46 -2.33 22.27 -4.16
CA LYS A 46 -1.42 23.21 -4.88
C LYS A 46 -0.96 24.46 -4.09
N HIS A 47 -1.64 24.76 -2.98
CA HIS A 47 -1.36 25.96 -2.20
C HIS A 47 -0.41 25.72 -1.01
N PHE A 48 0.11 24.49 -0.90
CA PHE A 48 1.05 24.14 0.18
C PHE A 48 2.40 24.78 -0.14
N THR A 49 3.01 25.45 0.87
CA THR A 49 4.26 26.22 0.68
C THR A 49 5.42 25.87 1.64
N PHE A 50 5.48 24.63 2.12
CA PHE A 50 6.61 24.15 2.91
C PHE A 50 7.28 22.97 2.19
N PRO A 51 8.58 22.70 2.50
CA PRO A 51 9.26 21.60 1.84
C PRO A 51 8.65 20.22 2.20
N VAL A 52 8.45 19.39 1.17
CA VAL A 52 7.93 18.03 1.32
C VAL A 52 9.05 17.09 0.87
N TYR A 53 9.40 16.12 1.70
CA TYR A 53 10.39 15.10 1.37
C TYR A 53 9.68 13.75 1.20
N CYS A 54 10.00 13.07 0.11
CA CYS A 54 9.33 11.82 -0.30
C CYS A 54 10.17 11.10 -1.35
N SER A 55 9.69 9.95 -1.84
CA SER A 55 10.33 9.27 -2.97
C SER A 55 10.06 9.97 -4.30
N GLU A 56 10.80 9.57 -5.33
CA GLU A 56 10.57 10.04 -6.71
C GLU A 56 9.13 9.78 -7.17
N ILE A 57 8.62 8.56 -6.95
CA ILE A 57 7.26 8.21 -7.39
C ILE A 57 6.20 9.05 -6.66
N THR A 58 6.33 9.18 -5.34
CA THR A 58 5.40 10.01 -4.57
C THR A 58 5.45 11.47 -5.05
N GLY A 59 6.66 11.93 -5.38
CA GLY A 59 6.84 13.27 -5.96
C GLY A 59 6.15 13.47 -7.31
N ASN A 60 6.21 12.46 -8.19
CA ASN A 60 5.46 12.45 -9.46
C ASN A 60 3.96 12.62 -9.28
N LEU A 61 3.39 11.93 -8.29
CA LEU A 61 1.95 12.01 -8.00
C LEU A 61 1.57 13.34 -7.33
N LEU A 62 2.43 13.84 -6.45
CA LEU A 62 2.19 15.16 -5.83
C LEU A 62 2.08 16.26 -6.90
N LYS A 63 3.02 16.21 -7.83
CA LYS A 63 3.09 17.17 -8.94
C LYS A 63 1.92 17.04 -9.90
N ASN A 64 1.66 15.83 -10.40
CA ASN A 64 0.64 15.64 -11.46
C ASN A 64 -0.79 15.46 -11.00
N LYS A 65 -1.01 14.85 -9.84
CA LYS A 65 -2.38 14.60 -9.32
C LYS A 65 -2.89 15.68 -8.37
N LEU A 66 -2.08 16.10 -7.38
CA LEU A 66 -2.49 17.17 -6.45
C LEU A 66 -2.04 18.58 -6.84
N HIS A 67 -1.24 18.70 -7.91
N HIS A 67 -1.23 18.70 -7.90
CA HIS A 67 -0.71 19.98 -8.42
CA HIS A 67 -0.77 19.98 -8.44
C HIS A 67 0.13 20.78 -7.44
C HIS A 67 0.13 20.77 -7.45
N VAL A 68 0.92 20.06 -6.63
CA VAL A 68 1.87 20.71 -5.72
C VAL A 68 2.98 21.31 -6.57
N GLN A 69 3.34 22.56 -6.28
CA GLN A 69 4.35 23.26 -7.06
C GLN A 69 5.69 22.63 -6.86
N GLU A 70 6.44 22.58 -7.95
CA GLU A 70 7.68 21.83 -8.06
C GLU A 70 8.78 22.27 -7.10
N GLN A 71 8.81 23.56 -6.79
CA GLN A 71 9.79 24.13 -5.84
C GLN A 71 9.72 23.56 -4.42
N TYR A 72 8.55 23.08 -4.00
CA TYR A 72 8.35 22.52 -2.67
C TYR A 72 8.49 20.99 -2.59
N ILE A 73 8.64 20.32 -3.74
CA ILE A 73 8.86 18.86 -3.80
C ILE A 73 10.34 18.48 -3.78
N HIS A 74 10.74 17.73 -2.76
CA HIS A 74 12.12 17.25 -2.61
C HIS A 74 12.21 15.73 -2.68
N PRO A 75 12.34 15.18 -3.90
CA PRO A 75 12.48 13.72 -4.01
C PRO A 75 13.87 13.25 -3.55
N LEU A 76 13.94 12.09 -2.88
CA LEU A 76 15.20 11.47 -2.47
C LEU A 76 15.29 10.07 -3.04
N PRO A 77 16.50 9.66 -3.48
CA PRO A 77 16.70 8.29 -3.91
C PRO A 77 16.66 7.35 -2.73
N LEU A 78 16.31 6.09 -2.98
CA LEU A 78 16.30 5.07 -1.92
C LEU A 78 17.70 4.58 -1.63
N ASP A 79 17.84 3.99 -0.45
CA ASP A 79 19.08 3.30 -0.03
C ASP A 79 20.31 4.19 -0.04
N THR A 80 20.12 5.49 0.17
CA THR A 80 21.19 6.49 0.05
C THR A 80 21.16 7.46 1.25
N GLU A 81 22.32 7.60 1.92
CA GLU A 81 22.42 8.57 3.02
C GLU A 81 22.30 10.00 2.46
N CYS A 82 21.34 10.78 2.98
CA CYS A 82 21.07 12.16 2.55
C CYS A 82 21.06 13.05 3.80
N ILE A 83 21.46 14.31 3.66
CA ILE A 83 21.34 15.31 4.75
C ILE A 83 20.16 16.27 4.47
N VAL A 84 19.22 16.35 5.41
CA VAL A 84 18.08 17.24 5.33
C VAL A 84 18.07 18.13 6.59
N ASN A 85 18.15 19.46 6.41
CA ASN A 85 18.23 20.42 7.54
C ASN A 85 19.19 19.95 8.64
N GLY A 86 20.37 19.50 8.22
CA GLY A 86 21.42 19.09 9.12
C GLY A 86 21.29 17.73 9.81
N VAL A 87 20.35 16.91 9.35
CA VAL A 87 20.12 15.59 9.91
C VAL A 87 20.26 14.51 8.83
N LYS A 88 21.02 13.46 9.12
CA LYS A 88 21.17 12.32 8.20
C LYS A 88 19.91 11.45 8.14
N VAL A 89 19.43 11.20 6.91
CA VAL A 89 18.25 10.33 6.71
C VAL A 89 18.49 9.35 5.59
N VAL A 90 17.76 8.23 5.66
CA VAL A 90 17.75 7.23 4.58
C VAL A 90 16.30 6.79 4.34
N LEU A 91 15.90 6.69 3.06
CA LEU A 91 14.60 6.10 2.66
C LEU A 91 14.81 4.66 2.19
N LEU A 92 13.95 3.77 2.68
CA LEU A 92 13.98 2.33 2.33
C LEU A 92 12.64 1.88 1.73
N ASP A 93 12.67 0.94 0.78
CA ASP A 93 11.41 0.41 0.26
C ASP A 93 10.55 -0.23 1.38
N ALA A 94 9.27 0.11 1.40
CA ALA A 94 8.34 -0.35 2.46
C ALA A 94 7.54 -1.61 2.04
N ASN A 95 7.70 -2.05 0.78
CA ASN A 95 6.90 -3.22 0.30
C ASN A 95 5.41 -3.02 0.60
N HIS A 96 4.93 -1.81 0.29
CA HIS A 96 3.52 -1.39 0.42
C HIS A 96 3.04 -1.12 -1.03
N CYS A 97 2.59 0.10 -1.37
CA CYS A 97 2.19 0.48 -2.72
C CYS A 97 3.38 1.15 -3.45
N PRO A 98 3.25 1.43 -4.76
CA PRO A 98 4.37 2.09 -5.45
C PRO A 98 4.79 3.45 -4.82
N GLY A 99 6.09 3.58 -4.61
CA GLY A 99 6.70 4.79 -4.05
C GLY A 99 6.68 4.89 -2.54
N ALA A 100 6.17 3.84 -1.87
CA ALA A 100 6.06 3.84 -0.42
C ALA A 100 7.40 3.55 0.24
N VAL A 101 7.75 4.37 1.24
CA VAL A 101 9.03 4.22 1.95
C VAL A 101 8.93 4.11 3.46
N MET A 102 9.93 3.46 4.07
CA MET A 102 10.26 3.63 5.48
C MET A 102 11.35 4.72 5.59
N ILE A 103 11.42 5.42 6.74
CA ILE A 103 12.45 6.47 6.96
C ILE A 103 13.32 6.20 8.21
N LEU A 104 14.64 6.12 8.02
CA LEU A 104 15.65 6.07 9.09
C LEU A 104 16.10 7.48 9.40
N PHE A 105 15.98 7.91 10.67
CA PHE A 105 16.50 9.19 11.14
C PHE A 105 17.67 8.96 12.13
N TYR A 106 18.81 9.60 11.85
CA TYR A 106 20.01 9.54 12.70
C TYR A 106 20.07 10.86 13.46
N LEU A 107 19.56 10.88 14.70
CA LEU A 107 19.43 12.12 15.46
C LEU A 107 20.82 12.65 15.86
N PRO A 108 20.95 13.99 16.04
CA PRO A 108 22.24 14.56 16.43
C PRO A 108 22.82 13.98 17.74
N ASN A 109 21.96 13.66 18.71
CA ASN A 109 22.40 13.05 19.98
C ASN A 109 22.81 11.56 19.94
N GLY A 110 22.67 10.90 18.79
CA GLY A 110 23.07 9.49 18.64
C GLY A 110 21.91 8.48 18.66
N THR A 111 20.70 8.96 18.93
CA THR A 111 19.51 8.13 18.78
C THR A 111 19.25 7.80 17.30
N VAL A 112 18.75 6.60 17.04
CA VAL A 112 18.38 6.18 15.70
C VAL A 112 16.89 5.75 15.75
N ILE A 113 16.10 6.28 14.81
CA ILE A 113 14.64 6.08 14.76
C ILE A 113 14.28 5.52 13.39
N LEU A 114 13.47 4.48 13.36
CA LEU A 114 12.89 3.97 12.09
C LEU A 114 11.39 4.20 12.10
N HIS A 115 10.85 4.88 11.08
CA HIS A 115 9.40 5.04 10.89
C HIS A 115 9.03 4.17 9.69
N THR A 116 8.17 3.17 9.88
CA THR A 116 7.86 2.20 8.81
C THR A 116 6.87 2.73 7.74
N GLY A 117 6.28 3.88 7.98
CA GLY A 117 5.11 4.28 7.21
C GLY A 117 4.13 3.12 7.25
N ASP A 118 3.45 2.87 6.12
CA ASP A 118 2.69 1.62 5.93
C ASP A 118 3.68 0.63 5.28
N PHE A 119 3.71 -0.61 5.75
CA PHE A 119 4.63 -1.62 5.21
C PHE A 119 4.07 -3.06 5.29
N ARG A 120 4.61 -3.92 4.43
CA ARG A 120 4.50 -5.38 4.61
C ARG A 120 5.88 -5.96 4.87
N ALA A 121 6.17 -6.22 6.16
CA ALA A 121 7.46 -6.75 6.57
C ALA A 121 7.83 -7.99 5.78
N ASP A 122 9.11 -8.09 5.43
CA ASP A 122 9.62 -9.21 4.67
C ASP A 122 11.05 -9.52 5.15
N PRO A 123 11.46 -10.81 5.10
CA PRO A 123 12.84 -11.14 5.51
C PRO A 123 13.94 -10.41 4.71
N SER A 124 13.66 -10.03 3.46
CA SER A 124 14.59 -9.24 2.66
C SER A 124 15.01 -7.91 3.33
N MET A 125 14.14 -7.36 4.18
CA MET A 125 14.48 -6.16 4.95
C MET A 125 15.60 -6.40 5.98
N GLU A 126 15.83 -7.66 6.36
CA GLU A 126 16.91 -8.00 7.31
C GLU A 126 18.34 -7.82 6.69
N ARG A 127 18.40 -7.60 5.37
CA ARG A 127 19.66 -7.32 4.63
C ARG A 127 19.65 -6.00 3.84
N SER A 128 18.84 -5.04 4.29
CA SER A 128 18.92 -3.67 3.83
C SER A 128 20.00 -2.98 4.68
N LEU A 129 20.14 -1.67 4.50
CA LEU A 129 20.94 -0.84 5.43
C LEU A 129 20.49 -0.88 6.91
N LEU A 130 19.36 -1.51 7.24
CA LEU A 130 18.98 -1.74 8.64
C LEU A 130 19.90 -2.68 9.43
N ALA A 131 20.60 -3.55 8.73
CA ALA A 131 21.45 -4.52 9.40
C ALA A 131 22.68 -3.86 10.07
N ASP A 132 23.09 -2.74 9.52
CA ASP A 132 24.28 -1.96 9.94
C ASP A 132 24.37 -1.40 11.34
N GLN A 133 23.22 -1.15 11.98
CA GLN A 133 23.22 -0.45 13.26
C GLN A 133 21.94 -0.61 14.06
N LYS A 134 22.05 -0.17 15.29
CA LYS A 134 21.04 -0.31 16.30
C LYS A 134 19.97 0.72 16.03
N VAL A 135 18.73 0.36 16.32
CA VAL A 135 17.57 1.25 16.24
C VAL A 135 16.95 1.37 17.61
N HIS A 136 16.82 2.58 18.12
CA HIS A 136 16.35 2.83 19.48
C HIS A 136 14.82 2.91 19.56
N MET A 137 14.19 3.63 18.62
CA MET A 137 12.72 3.78 18.58
C MET A 137 12.16 3.39 17.21
N LEU A 138 11.02 2.67 17.25
CA LEU A 138 10.32 2.14 16.07
C LEU A 138 8.87 2.67 16.02
N TYR A 139 8.53 3.43 14.98
CA TYR A 139 7.18 3.91 14.75
C TYR A 139 6.58 2.91 13.78
N LEU A 140 5.65 2.09 14.29
CA LEU A 140 5.25 0.83 13.63
C LEU A 140 3.84 0.81 13.05
N ASP A 141 3.73 0.41 11.78
CA ASP A 141 2.45 0.07 11.14
C ASP A 141 1.88 -1.20 11.78
N THR A 142 0.90 -0.98 12.65
CA THR A 142 0.29 -2.03 13.47
C THR A 142 -1.12 -2.43 12.98
N THR A 143 -1.43 -2.19 11.69
CA THR A 143 -2.76 -2.44 11.10
C THR A 143 -3.33 -3.81 11.53
N TYR A 144 -2.55 -4.88 11.31
CA TYR A 144 -2.95 -6.25 11.63
C TYR A 144 -2.18 -6.89 12.81
N CYS A 145 -1.99 -6.13 13.90
CA CYS A 145 -1.29 -6.63 15.07
C CYS A 145 -2.21 -7.44 15.99
N SER A 146 -2.61 -8.61 15.50
CA SER A 146 -3.37 -9.61 16.27
C SER A 146 -3.32 -10.98 15.58
N PRO A 147 -3.15 -12.06 16.36
CA PRO A 147 -2.91 -13.40 15.78
C PRO A 147 -3.98 -13.95 14.83
N GLU A 148 -5.22 -13.46 14.90
CA GLU A 148 -6.25 -13.89 13.95
C GLU A 148 -5.99 -13.40 12.53
N TYR A 149 -5.13 -12.40 12.37
CA TYR A 149 -4.80 -11.88 11.05
C TYR A 149 -3.74 -12.72 10.32
N THR A 150 -4.25 -13.66 9.53
CA THR A 150 -3.44 -14.48 8.63
C THR A 150 -3.94 -14.28 7.20
N PHE A 151 -3.01 -14.29 6.25
CA PHE A 151 -3.34 -14.34 4.82
C PHE A 151 -2.19 -15.01 4.06
N PRO A 152 -2.44 -15.45 2.81
CA PRO A 152 -1.35 -16.08 2.05
C PRO A 152 -0.33 -15.06 1.55
N SER A 153 0.75 -15.57 0.95
CA SER A 153 1.68 -14.70 0.27
C SER A 153 0.99 -14.03 -0.92
N GLN A 154 1.54 -12.90 -1.34
CA GLN A 154 1.07 -12.24 -2.52
C GLN A 154 1.20 -13.16 -3.77
N GLN A 155 2.32 -13.88 -3.84
CA GLN A 155 2.59 -14.84 -4.94
C GLN A 155 1.46 -15.88 -5.08
N GLU A 156 1.06 -16.52 -3.97
CA GLU A 156 -0.04 -17.50 -3.96
C GLU A 156 -1.38 -16.90 -4.44
N VAL A 157 -1.67 -15.68 -4.02
CA VAL A 157 -2.92 -15.01 -4.40
C VAL A 157 -2.90 -14.71 -5.90
N ILE A 158 -1.76 -14.27 -6.41
CA ILE A 158 -1.64 -13.99 -7.87
C ILE A 158 -1.81 -15.26 -8.72
N ARG A 159 -1.18 -16.35 -8.27
CA ARG A 159 -1.34 -17.65 -8.95
C ARG A 159 -2.81 -18.07 -9.05
N PHE A 160 -3.53 -17.88 -7.94
CA PHE A 160 -4.96 -18.18 -7.91
C PHE A 160 -5.71 -17.34 -8.93
N ALA A 161 -5.42 -16.04 -8.96
CA ALA A 161 -6.16 -15.14 -9.85
C ALA A 161 -5.88 -15.39 -11.36
N ILE A 162 -4.61 -15.60 -11.69
CA ILE A 162 -4.17 -15.97 -13.05
C ILE A 162 -4.91 -17.24 -13.53
N ASN A 163 -4.83 -18.31 -12.75
CA ASN A 163 -5.43 -19.60 -13.14
C ASN A 163 -6.94 -19.51 -13.30
N THR A 164 -7.60 -18.85 -12.34
CA THR A 164 -9.04 -18.55 -12.36
C THR A 164 -9.47 -17.80 -13.63
N ALA A 165 -8.80 -16.69 -13.94
CA ALA A 165 -9.12 -15.88 -15.09
C ALA A 165 -8.86 -16.63 -16.42
N PHE A 166 -7.73 -17.33 -16.48
CA PHE A 166 -7.33 -18.04 -17.69
C PHE A 166 -8.34 -19.16 -18.00
N GLU A 167 -8.69 -19.91 -16.96
CA GLU A 167 -9.69 -20.98 -17.12
C GLU A 167 -11.03 -20.43 -17.65
N ALA A 168 -11.56 -19.38 -17.00
CA ALA A 168 -12.87 -18.86 -17.37
C ALA A 168 -12.95 -18.34 -18.81
N VAL A 169 -11.90 -17.66 -19.25
CA VAL A 169 -11.87 -17.02 -20.55
C VAL A 169 -11.55 -18.05 -21.66
N THR A 170 -10.79 -19.09 -21.32
CA THR A 170 -10.53 -20.18 -22.28
C THR A 170 -11.80 -21.01 -22.52
N LEU A 171 -12.59 -21.23 -21.46
CA LEU A 171 -13.92 -21.88 -21.58
C LEU A 171 -14.92 -21.00 -22.35
N ASN A 172 -14.95 -19.70 -22.02
CA ASN A 172 -15.80 -18.74 -22.73
C ASN A 172 -15.05 -17.51 -23.26
N PRO A 173 -14.63 -17.51 -24.54
CA PRO A 173 -13.93 -16.36 -25.11
C PRO A 173 -14.73 -15.04 -25.16
N HIS A 174 -16.03 -15.08 -24.89
CA HIS A 174 -16.85 -13.90 -24.72
C HIS A 174 -17.07 -13.43 -23.28
N ALA A 175 -16.24 -13.90 -22.34
CA ALA A 175 -16.27 -13.39 -20.95
C ALA A 175 -15.32 -12.17 -20.81
N LEU A 176 -15.74 -11.17 -20.03
CA LEU A 176 -14.95 -9.98 -19.72
C LEU A 176 -14.43 -10.12 -18.29
N VAL A 177 -13.18 -9.73 -18.03
CA VAL A 177 -12.67 -9.69 -16.66
C VAL A 177 -12.66 -8.26 -16.17
N VAL A 178 -13.20 -8.02 -14.98
CA VAL A 178 -13.20 -6.70 -14.35
C VAL A 178 -12.44 -6.75 -13.00
N CYS A 179 -11.67 -5.72 -12.71
N CYS A 179 -11.67 -5.72 -12.70
CA CYS A 179 -10.91 -5.61 -11.46
CA CYS A 179 -10.97 -5.63 -11.42
C CYS A 179 -11.24 -4.26 -10.82
C CYS A 179 -11.23 -4.27 -10.82
N GLY A 180 -11.52 -4.26 -9.52
CA GLY A 180 -11.81 -3.05 -8.77
C GLY A 180 -10.56 -2.38 -8.23
N THR A 181 -10.59 -1.04 -8.13
CA THR A 181 -9.51 -0.22 -7.56
C THR A 181 -10.06 1.06 -6.89
N TYR A 182 -9.43 1.53 -5.80
CA TYR A 182 -9.75 2.87 -5.21
C TYR A 182 -8.56 3.75 -4.78
N SER A 183 -7.35 3.29 -5.09
CA SER A 183 -6.14 3.99 -4.72
C SER A 183 -5.01 3.29 -5.48
N ILE A 184 -3.80 3.80 -5.39
CA ILE A 184 -2.65 3.03 -5.88
C ILE A 184 -2.37 1.83 -4.96
N GLY A 185 -1.53 0.90 -5.44
CA GLY A 185 -1.28 -0.38 -4.81
C GLY A 185 -2.02 -1.53 -5.47
N LYS A 186 -1.46 -2.73 -5.35
CA LYS A 186 -2.09 -3.98 -5.80
C LYS A 186 -2.22 -4.08 -7.34
N GLU A 187 -1.39 -3.30 -8.04
CA GLU A 187 -1.39 -3.28 -9.51
C GLU A 187 -1.10 -4.66 -10.12
N LYS A 188 -0.32 -5.48 -9.41
CA LYS A 188 0.02 -6.82 -9.88
C LYS A 188 -1.21 -7.69 -10.19
N VAL A 189 -2.31 -7.48 -9.48
CA VAL A 189 -3.54 -8.24 -9.69
C VAL A 189 -4.04 -8.09 -11.13
N PHE A 190 -4.26 -6.87 -11.54
CA PHE A 190 -4.76 -6.63 -12.88
C PHE A 190 -3.71 -6.79 -13.97
N LEU A 191 -2.45 -6.48 -13.66
CA LEU A 191 -1.35 -6.70 -14.65
C LEU A 191 -1.05 -8.17 -14.95
N ALA A 192 -1.03 -9.03 -13.93
CA ALA A 192 -0.83 -10.48 -14.11
C ALA A 192 -1.95 -11.14 -14.93
N ILE A 193 -3.20 -10.71 -14.69
CA ILE A 193 -4.35 -11.26 -15.40
C ILE A 193 -4.33 -10.85 -16.87
N ALA A 194 -4.07 -9.56 -17.15
CA ALA A 194 -4.00 -9.10 -18.53
C ALA A 194 -2.90 -9.82 -19.32
N ASP A 195 -1.76 -9.99 -18.67
CA ASP A 195 -0.63 -10.69 -19.26
C ASP A 195 -0.95 -12.17 -19.66
N VAL A 196 -1.62 -12.93 -18.78
CA VAL A 196 -1.97 -14.31 -19.14
C VAL A 196 -3.00 -14.36 -20.28
N LEU A 197 -3.85 -13.33 -20.38
CA LEU A 197 -4.89 -13.27 -21.40
C LEU A 197 -4.46 -12.57 -22.70
N GLY A 198 -3.23 -12.08 -22.76
CA GLY A 198 -2.73 -11.33 -23.92
C GLY A 198 -3.48 -10.06 -24.26
N SER A 199 -3.85 -9.30 -23.24
CA SER A 199 -4.63 -8.09 -23.39
C SER A 199 -3.88 -6.96 -22.67
N LYS A 200 -4.19 -5.72 -23.06
CA LYS A 200 -3.86 -4.55 -22.25
C LYS A 200 -4.99 -4.36 -21.27
N VAL A 201 -4.71 -3.62 -20.20
CA VAL A 201 -5.73 -3.30 -19.23
C VAL A 201 -6.33 -1.98 -19.60
N GLY A 202 -7.65 -1.95 -19.73
CA GLY A 202 -8.39 -0.74 -20.06
C GLY A 202 -8.96 -0.03 -18.86
N MET A 203 -8.95 1.29 -18.88
CA MET A 203 -9.31 2.10 -17.71
C MET A 203 -9.63 3.54 -18.10
N SER A 204 -10.22 4.28 -17.17
CA SER A 204 -10.51 5.72 -17.33
C SER A 204 -9.24 6.54 -17.54
N GLN A 205 -9.41 7.74 -18.09
CA GLN A 205 -8.29 8.67 -18.25
C GLN A 205 -7.66 9.07 -16.90
N GLU A 206 -8.48 9.26 -15.85
CA GLU A 206 -7.95 9.64 -14.52
C GLU A 206 -7.03 8.57 -13.94
N LYS A 207 -7.44 7.30 -14.04
CA LYS A 207 -6.61 6.18 -13.56
C LYS A 207 -5.36 5.96 -14.42
N TYR A 208 -5.50 6.06 -15.76
CA TYR A 208 -4.34 5.96 -16.64
C TYR A 208 -3.26 7.00 -16.26
N LYS A 209 -3.71 8.22 -15.98
CA LYS A 209 -2.82 9.30 -15.55
C LYS A 209 -2.03 8.92 -14.29
N THR A 210 -2.76 8.42 -13.31
CA THR A 210 -2.16 7.93 -12.05
C THR A 210 -1.12 6.84 -12.33
N LEU A 211 -1.48 5.84 -13.13
CA LEU A 211 -0.52 4.76 -13.43
C LEU A 211 0.71 5.27 -14.21
N GLN A 212 0.54 6.29 -15.05
CA GLN A 212 1.70 6.88 -15.77
C GLN A 212 2.75 7.54 -14.86
N CYS A 213 2.40 7.88 -13.60
CA CYS A 213 3.39 8.42 -12.63
C CYS A 213 4.24 7.39 -11.87
N LEU A 214 3.99 6.11 -12.04
CA LEU A 214 4.55 5.08 -11.14
C LEU A 214 5.90 4.40 -11.54
N ASN A 215 6.54 4.89 -12.59
CA ASN A 215 7.79 4.27 -13.13
C ASN A 215 7.76 2.73 -13.28
N ILE A 216 6.62 2.18 -13.70
CA ILE A 216 6.55 0.74 -13.95
C ILE A 216 7.18 0.49 -15.32
N PRO A 217 8.16 -0.43 -15.40
CA PRO A 217 8.80 -0.80 -16.68
C PRO A 217 7.81 -1.25 -17.75
N GLU A 218 8.03 -0.76 -18.97
CA GLU A 218 7.26 -1.18 -20.16
C GLU A 218 5.75 -0.92 -20.03
N ILE A 219 5.35 0.05 -19.19
CA ILE A 219 3.94 0.33 -18.90
C ILE A 219 3.10 0.68 -20.13
N ASN A 220 3.66 1.40 -21.08
CA ASN A 220 2.89 1.75 -22.28
C ASN A 220 2.42 0.49 -23.04
N SER A 221 3.17 -0.61 -22.89
CA SER A 221 2.78 -1.90 -23.42
C SER A 221 1.64 -2.60 -22.68
N LEU A 222 1.30 -2.15 -21.46
CA LEU A 222 0.39 -2.90 -20.56
C LEU A 222 -0.99 -2.29 -20.31
N ILE A 223 -1.16 -0.98 -20.54
CA ILE A 223 -2.40 -0.27 -20.16
C ILE A 223 -2.90 0.60 -21.31
N THR A 224 -4.17 0.98 -21.27
CA THR A 224 -4.79 1.76 -22.36
C THR A 224 -6.07 2.43 -21.87
N THR A 225 -6.43 3.54 -22.50
CA THR A 225 -7.74 4.16 -22.31
C THR A 225 -8.76 3.70 -23.36
N ASP A 226 -8.32 2.92 -24.34
CA ASP A 226 -9.26 2.38 -25.34
C ASP A 226 -9.93 1.13 -24.79
N MET A 227 -11.12 1.30 -24.20
CA MET A 227 -11.81 0.19 -23.54
C MET A 227 -12.17 -0.92 -24.54
N CYS A 228 -12.51 -0.51 -25.78
CA CYS A 228 -12.93 -1.46 -26.82
C CYS A 228 -11.88 -2.46 -27.23
N SER A 229 -10.60 -2.08 -27.12
CA SER A 229 -9.50 -2.99 -27.47
C SER A 229 -9.07 -3.95 -26.34
N SER A 230 -9.66 -3.84 -25.15
CA SER A 230 -9.19 -4.52 -23.93
C SER A 230 -10.22 -5.54 -23.42
N LEU A 231 -9.78 -6.73 -23.03
CA LEU A 231 -10.68 -7.67 -22.30
C LEU A 231 -10.43 -7.80 -20.78
N VAL A 232 -9.63 -6.87 -20.23
CA VAL A 232 -9.50 -6.68 -18.77
C VAL A 232 -9.79 -5.22 -18.47
N HIS A 233 -10.91 -4.92 -17.82
CA HIS A 233 -11.29 -3.54 -17.46
C HIS A 233 -11.11 -3.22 -15.97
N LEU A 234 -10.58 -2.03 -15.65
CA LEU A 234 -10.58 -1.51 -14.27
C LEU A 234 -11.77 -0.61 -14.04
N LEU A 235 -12.38 -0.76 -12.87
CA LEU A 235 -13.45 0.12 -12.42
C LEU A 235 -13.23 0.49 -10.95
N PRO A 236 -13.87 1.59 -10.50
CA PRO A 236 -13.87 1.91 -9.09
C PRO A 236 -14.43 0.77 -8.26
N MET A 237 -13.84 0.59 -7.09
CA MET A 237 -14.20 -0.52 -6.17
C MET A 237 -15.70 -0.52 -5.86
N MET A 238 -16.25 0.68 -5.69
CA MET A 238 -17.68 0.90 -5.45
C MET A 238 -18.61 0.29 -6.48
N GLN A 239 -18.15 0.18 -7.71
CA GLN A 239 -18.93 -0.40 -8.79
C GLN A 239 -18.85 -1.96 -8.89
N ILE A 240 -18.02 -2.61 -8.06
CA ILE A 240 -17.85 -4.08 -8.09
C ILE A 240 -18.95 -4.75 -7.24
N ASN A 241 -20.15 -4.77 -7.83
CA ASN A 241 -21.36 -5.39 -7.26
C ASN A 241 -22.27 -5.80 -8.43
N PHE A 242 -23.30 -6.60 -8.15
CA PHE A 242 -24.14 -7.13 -9.24
C PHE A 242 -24.79 -6.02 -10.07
N LYS A 243 -25.37 -5.01 -9.43
CA LYS A 243 -25.92 -3.83 -10.11
C LYS A 243 -24.92 -3.07 -10.99
N GLY A 244 -23.75 -2.76 -10.42
CA GLY A 244 -22.74 -1.97 -11.12
C GLY A 244 -22.14 -2.67 -12.32
N LEU A 245 -21.96 -3.99 -12.17
CA LEU A 245 -21.40 -4.82 -13.23
C LEU A 245 -22.42 -5.12 -14.36
N GLN A 246 -23.69 -5.39 -14.02
CA GLN A 246 -24.76 -5.48 -15.03
C GLN A 246 -24.80 -4.25 -15.91
N SER A 247 -24.77 -3.08 -15.26
CA SER A 247 -24.74 -1.79 -15.93
C SER A 247 -23.50 -1.62 -16.84
N HIS A 248 -22.34 -2.04 -16.37
CA HIS A 248 -21.15 -1.97 -17.21
C HIS A 248 -21.23 -2.93 -18.41
N LEU A 249 -21.75 -4.14 -18.21
CA LEU A 249 -21.90 -5.10 -19.30
C LEU A 249 -22.79 -4.54 -20.43
N LYS A 250 -23.87 -3.83 -20.06
CA LYS A 250 -24.71 -3.14 -21.04
C LYS A 250 -23.88 -2.21 -21.94
N LYS A 251 -22.96 -1.45 -21.35
CA LYS A 251 -22.13 -0.51 -22.11
C LYS A 251 -21.19 -1.11 -23.14
N CYS A 252 -20.88 -2.41 -23.05
CA CYS A 252 -19.87 -3.01 -23.96
C CYS A 252 -20.40 -3.43 -25.34
N GLY A 253 -21.66 -3.11 -25.64
CA GLY A 253 -22.25 -3.25 -26.97
C GLY A 253 -22.40 -4.67 -27.48
N GLY A 254 -22.81 -5.60 -26.60
CA GLY A 254 -22.96 -7.02 -26.95
C GLY A 254 -21.68 -7.73 -27.39
N LYS A 255 -20.53 -7.26 -26.93
CA LYS A 255 -19.23 -7.91 -27.16
C LYS A 255 -19.01 -9.08 -26.18
N TYR A 256 -19.61 -8.98 -24.99
CA TYR A 256 -19.45 -9.97 -23.93
C TYR A 256 -20.80 -10.46 -23.40
N ASN A 257 -20.84 -11.70 -22.92
CA ASN A 257 -22.05 -12.32 -22.32
C ASN A 257 -21.83 -12.85 -20.90
N GLN A 258 -20.73 -12.45 -20.25
CA GLN A 258 -20.35 -12.96 -18.92
C GLN A 258 -19.30 -11.98 -18.32
N ILE A 259 -19.41 -11.72 -17.01
CA ILE A 259 -18.34 -11.00 -16.26
C ILE A 259 -17.78 -11.85 -15.14
N LEU A 260 -16.45 -11.98 -15.13
CA LEU A 260 -15.74 -12.46 -13.98
C LEU A 260 -15.05 -11.24 -13.34
N ALA A 261 -15.36 -10.94 -12.08
CA ALA A 261 -14.79 -9.77 -11.38
C ALA A 261 -14.00 -10.12 -10.12
N PHE A 262 -12.98 -9.30 -9.82
CA PHE A 262 -12.14 -9.46 -8.61
C PHE A 262 -12.17 -8.20 -7.72
N ARG A 263 -12.34 -8.42 -6.41
CA ARG A 263 -12.24 -7.41 -5.37
C ARG A 263 -11.05 -7.76 -4.51
N PRO A 264 -9.89 -7.12 -4.75
CA PRO A 264 -8.81 -7.34 -3.82
C PRO A 264 -9.18 -6.55 -2.54
N THR A 265 -9.20 -7.25 -1.43
CA THR A 265 -9.48 -6.67 -0.13
C THR A 265 -8.18 -6.82 0.65
N GLY A 266 -8.18 -6.36 1.89
CA GLY A 266 -7.14 -6.76 2.85
C GLY A 266 -7.51 -8.13 3.42
N TRP A 267 -7.54 -8.20 4.73
CA TRP A 267 -8.07 -9.38 5.44
C TRP A 267 -9.60 -9.28 5.53
N THR A 268 -10.24 -10.45 5.46
CA THR A 268 -11.67 -10.63 5.74
C THR A 268 -11.79 -11.91 6.58
N HIS A 269 -12.68 -11.92 7.57
CA HIS A 269 -13.05 -13.14 8.37
C HIS A 269 -13.20 -14.51 7.64
N SER A 270 -13.46 -14.51 6.32
CA SER A 270 -13.33 -15.78 5.53
C SER A 270 -11.88 -16.32 5.41
N ASN A 271 -10.87 -15.54 5.83
CA ASN A 271 -9.48 -16.01 6.07
C ASN A 271 -9.35 -16.99 7.25
N LYS A 272 -10.27 -16.89 8.22
CA LYS A 272 -10.27 -17.72 9.44
C LYS A 272 -10.77 -19.16 9.25
N PHE A 273 -11.33 -19.46 8.07
CA PHE A 273 -11.83 -20.81 7.75
C PHE A 273 -11.19 -21.41 6.50
N THR A 274 -11.17 -20.64 5.42
CA THR A 274 -10.97 -21.16 4.07
C THR A 274 -9.55 -20.89 3.55
N ARG A 275 -8.92 -21.93 2.98
CA ARG A 275 -7.64 -21.80 2.27
C ARG A 275 -7.85 -21.08 0.93
N ILE A 276 -6.79 -20.44 0.44
CA ILE A 276 -6.86 -19.71 -0.84
C ILE A 276 -7.33 -20.61 -2.00
N ALA A 277 -6.80 -21.83 -2.04
CA ALA A 277 -7.23 -22.84 -3.03
C ALA A 277 -8.77 -23.06 -3.02
N ASP A 278 -9.37 -23.00 -1.84
CA ASP A 278 -10.80 -23.25 -1.64
C ASP A 278 -11.74 -22.04 -1.84
N VAL A 279 -11.23 -20.89 -2.26
CA VAL A 279 -12.06 -19.65 -2.39
C VAL A 279 -13.09 -19.78 -3.53
N ILE A 280 -14.34 -19.39 -3.27
CA ILE A 280 -15.39 -19.46 -4.26
C ILE A 280 -16.04 -18.08 -4.45
N PRO A 281 -16.63 -17.82 -5.62
CA PRO A 281 -17.23 -16.53 -5.90
C PRO A 281 -18.65 -16.44 -5.38
N GLN A 282 -19.16 -15.22 -5.31
CA GLN A 282 -20.59 -14.95 -5.28
C GLN A 282 -21.08 -14.79 -6.72
N THR A 283 -22.15 -15.50 -7.07
CA THR A 283 -22.65 -15.57 -8.44
C THR A 283 -24.12 -15.16 -8.51
N LYS A 284 -24.46 -14.34 -9.51
CA LYS A 284 -25.85 -14.03 -9.87
C LYS A 284 -25.98 -14.02 -11.38
N GLY A 285 -26.46 -15.13 -11.93
CA GLY A 285 -26.65 -15.24 -13.36
C GLY A 285 -25.32 -15.38 -14.09
N ASN A 286 -25.09 -14.46 -15.03
CA ASN A 286 -23.85 -14.46 -15.82
C ASN A 286 -22.73 -13.58 -15.19
N ILE A 287 -22.84 -13.23 -13.90
CA ILE A 287 -21.85 -12.42 -13.19
C ILE A 287 -21.35 -13.16 -11.96
N SER A 288 -20.02 -13.33 -11.87
CA SER A 288 -19.34 -13.85 -10.69
C SER A 288 -18.31 -12.86 -10.11
N ILE A 289 -18.28 -12.76 -8.77
CA ILE A 289 -17.38 -11.85 -8.01
C ILE A 289 -16.53 -12.63 -6.97
N TYR A 290 -15.22 -12.54 -7.13
CA TYR A 290 -14.26 -13.10 -6.19
C TYR A 290 -13.67 -12.02 -5.28
N GLY A 291 -13.71 -12.25 -3.98
CA GLY A 291 -12.93 -11.45 -3.01
C GLY A 291 -11.63 -12.19 -2.81
N ILE A 292 -10.49 -11.54 -3.07
CA ILE A 292 -9.20 -12.19 -2.86
C ILE A 292 -8.37 -11.41 -1.82
N PRO A 293 -7.73 -12.11 -0.88
CA PRO A 293 -6.99 -11.48 0.23
C PRO A 293 -5.57 -11.06 -0.14
N TYR A 294 -5.47 -10.05 -1.01
CA TYR A 294 -4.19 -9.48 -1.42
C TYR A 294 -3.84 -8.35 -0.46
N SER A 295 -2.95 -8.62 0.48
CA SER A 295 -2.58 -7.59 1.47
C SER A 295 -1.28 -6.88 1.11
N GLU A 296 -1.27 -5.55 1.27
CA GLU A 296 -0.03 -4.76 1.30
C GLU A 296 0.36 -4.27 2.74
N HIS A 297 -0.23 -4.88 3.78
CA HIS A 297 0.26 -4.78 5.17
C HIS A 297 0.78 -6.11 5.74
N SER A 298 1.68 -6.00 6.74
CA SER A 298 2.24 -7.17 7.45
C SER A 298 1.13 -8.04 8.01
N SER A 299 1.22 -9.36 7.80
CA SER A 299 0.43 -10.28 8.66
C SER A 299 0.98 -10.16 10.11
N TYR A 300 0.26 -10.73 11.09
CA TYR A 300 0.75 -10.77 12.47
C TYR A 300 2.12 -11.42 12.54
N LEU A 301 2.26 -12.59 11.92
CA LEU A 301 3.55 -13.34 12.01
C LEU A 301 4.75 -12.62 11.33
N GLU A 302 4.49 -11.95 10.21
CA GLU A 302 5.51 -11.14 9.50
C GLU A 302 5.96 -9.95 10.36
N MET A 303 4.99 -9.28 10.97
CA MET A 303 5.25 -8.18 11.91
C MET A 303 6.15 -8.62 13.10
N LYS A 304 5.71 -9.67 13.79
CA LYS A 304 6.45 -10.27 14.90
C LYS A 304 7.89 -10.63 14.54
N ARG A 305 8.07 -11.24 13.38
CA ARG A 305 9.41 -11.63 12.97
C ARG A 305 10.32 -10.42 12.79
N PHE A 306 9.83 -9.41 12.08
CA PHE A 306 10.56 -8.16 11.85
C PHE A 306 10.97 -7.48 13.15
N VAL A 307 10.03 -7.31 14.07
CA VAL A 307 10.28 -6.66 15.33
C VAL A 307 11.27 -7.46 16.21
N GLN A 308 11.10 -8.78 16.29
CA GLN A 308 12.03 -9.64 17.06
C GLN A 308 13.46 -9.63 16.47
N TRP A 309 13.57 -9.46 15.15
CA TRP A 309 14.89 -9.28 14.49
C TRP A 309 15.51 -7.90 14.82
N LEU A 310 14.70 -6.86 14.75
CA LEU A 310 15.17 -5.47 14.94
C LEU A 310 15.52 -5.14 16.42
N LYS A 311 14.82 -5.74 17.36
CA LYS A 311 15.01 -5.51 18.80
C LYS A 311 15.02 -4.03 19.24
N PRO A 312 13.96 -3.26 18.86
CA PRO A 312 13.90 -1.85 19.27
C PRO A 312 13.77 -1.72 20.79
N GLN A 313 14.25 -0.61 21.35
CA GLN A 313 14.09 -0.33 22.79
C GLN A 313 12.68 0.18 23.11
N LYS A 314 12.06 0.89 22.16
CA LYS A 314 10.74 1.44 22.36
C LYS A 314 9.94 1.32 21.05
N ILE A 315 8.64 1.01 21.17
CA ILE A 315 7.76 0.89 20.01
C ILE A 315 6.61 1.86 20.21
N ILE A 316 6.35 2.65 19.16
CA ILE A 316 5.24 3.56 19.08
C ILE A 316 4.31 3.14 17.91
N PRO A 317 3.12 2.61 18.22
CA PRO A 317 2.15 2.28 17.18
C PRO A 317 1.62 3.51 16.44
N THR A 318 1.40 3.38 15.14
CA THR A 318 0.82 4.45 14.30
C THR A 318 -0.55 4.10 13.71
N VAL A 319 -1.06 2.91 14.02
CA VAL A 319 -2.37 2.44 13.54
C VAL A 319 -3.13 1.78 14.72
N ASN A 320 -4.45 1.92 14.72
CA ASN A 320 -5.30 1.43 15.80
C ASN A 320 -4.98 2.12 17.14
N VAL A 321 -4.64 3.40 17.10
CA VAL A 321 -4.30 4.10 18.33
C VAL A 321 -5.48 4.76 19.04
N GLY A 322 -6.67 4.70 18.46
CA GLY A 322 -7.81 5.45 18.98
C GLY A 322 -8.57 4.85 20.16
N THR A 323 -8.39 3.55 20.45
CA THR A 323 -9.13 2.88 21.55
C THR A 323 -8.19 2.27 22.60
N TRP A 324 -8.61 2.32 23.86
CA TRP A 324 -7.81 1.76 24.93
C TRP A 324 -7.66 0.24 24.80
N LYS A 325 -8.70 -0.44 24.37
CA LYS A 325 -8.63 -1.89 24.13
C LYS A 325 -7.55 -2.27 23.11
N SER A 326 -7.51 -1.53 21.99
CA SER A 326 -6.45 -1.70 20.97
C SER A 326 -5.05 -1.45 21.51
N ARG A 327 -4.89 -0.30 22.17
CA ARG A 327 -3.60 0.06 22.76
C ARG A 327 -3.13 -1.01 23.75
N SER A 328 -4.02 -1.46 24.63
CA SER A 328 -3.70 -2.48 25.63
C SER A 328 -3.31 -3.85 25.00
N THR A 329 -4.08 -4.26 24.00
CA THR A 329 -3.76 -5.45 23.16
C THR A 329 -2.36 -5.40 22.50
N MET A 330 -2.05 -4.30 21.81
CA MET A 330 -0.77 -4.14 21.13
C MET A 330 0.44 -4.15 22.10
N GLU A 331 0.32 -3.44 23.21
N GLU A 331 0.33 -3.44 23.22
CA GLU A 331 1.34 -3.43 24.28
CA GLU A 331 1.38 -3.45 24.26
C GLU A 331 1.59 -4.81 24.88
C GLU A 331 1.60 -4.84 24.86
N LYS A 332 0.53 -5.62 25.05
CA LYS A 332 0.68 -7.01 25.49
C LYS A 332 1.50 -7.86 24.52
N TYR A 333 1.20 -7.77 23.23
CA TYR A 333 2.00 -8.47 22.22
C TYR A 333 3.45 -8.00 22.19
N PHE A 334 3.70 -6.70 22.28
CA PHE A 334 5.06 -6.21 22.24
C PHE A 334 5.86 -6.83 23.39
N ARG A 335 5.26 -6.90 24.57
CA ARG A 335 5.95 -7.48 25.76
C ARG A 335 6.20 -8.98 25.59
N GLU A 336 5.20 -9.71 25.07
N GLU A 336 5.20 -9.70 25.06
CA GLU A 336 5.37 -11.14 24.74
CA GLU A 336 5.35 -11.13 24.75
C GLU A 336 6.53 -11.38 23.80
C GLU A 336 6.50 -11.41 23.78
N TRP A 337 6.64 -10.56 22.75
CA TRP A 337 7.71 -10.70 21.76
C TRP A 337 9.07 -10.45 22.36
N LYS A 338 9.15 -9.44 23.21
CA LYS A 338 10.37 -9.06 23.93
C LYS A 338 10.85 -10.18 24.86
N LEU A 339 9.93 -10.70 25.66
CA LEU A 339 10.26 -11.81 26.60
C LEU A 339 10.64 -13.09 25.88
N GLU A 340 9.94 -13.43 24.80
CA GLU A 340 10.28 -14.61 24.03
C GLU A 340 11.69 -14.53 23.42
N ALA A 341 12.01 -13.41 22.76
CA ALA A 341 13.30 -13.21 22.10
C ALA A 341 14.45 -12.85 23.06
N GLY A 342 14.14 -12.20 24.19
CA GLY A 342 15.13 -11.93 25.24
C GLY A 342 15.82 -10.57 25.26
N TYR A 343 15.33 -9.62 24.47
CA TYR A 343 15.89 -8.24 24.46
C TYR A 343 15.19 -7.41 25.53
#